data_7G8K
#
_entry.id   7G8K
#
_cell.length_a   71.017
_cell.length_b   71.017
_cell.length_c   196.135
_cell.angle_alpha   90.000
_cell.angle_beta   90.000
_cell.angle_gamma   90.000
#
_symmetry.space_group_name_H-M   'P 43 21 2'
#
loop_
_entity.id
_entity.type
_entity.pdbx_description
1 polymer 'Transforming protein RhoA'
2 polymer 'Rho guanine nucleotide exchange factor 2'
3 non-polymer (3M)-3-(2-methyl-1H-imidazol-1-yl)pyridine
4 non-polymer 'DIMETHYL SULFOXIDE'
5 non-polymer 'FORMIC ACID'
6 water water
#
loop_
_entity_poly.entity_id
_entity_poly.type
_entity_poly.pdbx_seq_one_letter_code
_entity_poly.pdbx_strand_id
1 'polypeptide(L)'
;SMAAIRKKLVIVGDGACGKTCLLIVFSKDQFPEVYVPTVFENYVADIEVDGKQVELALWDTAGQEDYDRLRPLSYPDTDV
ILMCFSIDSPDSLENIPEKWTPEVKHFCPNVPIILVGNKKDLRNDEHTRRELAKMKQEPVKPEEGRDMANRIGAFGYMEC
SAKTKDGVREVFEMATRAALQARRG
;
A
2 'polypeptide(L)'
;SMEMDEKDFAADSWSLAVDSSFLQQHKKEVMKQQDVIYELIQTELHHVRTLKIMTRLFRTGMLEELHLEPGVVQGLFPCV
DELSDIHTRFLSQLLERRRQALCPGSTRNFVIHRLGDLLISQFSGPSAEQMCKTYSEFCSRHSKALKLYKELYARDKRFQ
QFIRKVTRPAVLKRHGVQECILLVTQRITKYPLLISRILQHSHGIEEERQDLTTALGLVKELLSNVDEGIYQLEKGARLQ
EIYNR
;
B
#
# COMPACT_ATOMS: atom_id res chain seq x y z
N ALA A 4 -4.14 -24.72 -4.29
CA ALA A 4 -4.06 -23.88 -3.10
C ALA A 4 -5.27 -22.95 -3.01
N ILE A 5 -5.77 -22.72 -1.79
CA ILE A 5 -6.90 -21.82 -1.59
C ILE A 5 -6.34 -20.41 -1.32
N ARG A 6 -7.05 -19.39 -1.77
CA ARG A 6 -6.59 -18.01 -1.60
C ARG A 6 -7.25 -17.39 -0.37
N LYS A 7 -6.45 -16.76 0.51
CA LYS A 7 -6.93 -16.08 1.70
C LYS A 7 -6.32 -14.69 1.74
N LYS A 8 -6.99 -13.75 2.44
CA LYS A 8 -6.52 -12.38 2.51
C LYS A 8 -6.26 -11.97 3.97
N LEU A 9 -5.08 -11.34 4.20
CA LEU A 9 -4.67 -10.86 5.51
C LEU A 9 -4.47 -9.34 5.43
N VAL A 10 -4.94 -8.62 6.45
CA VAL A 10 -4.73 -7.19 6.57
C VAL A 10 -4.14 -6.90 7.95
N ILE A 11 -3.12 -6.01 8.02
CA ILE A 11 -2.55 -5.65 9.31
CA ILE A 11 -2.52 -5.62 9.30
C ILE A 11 -2.98 -4.22 9.64
N VAL A 12 -3.43 -4.04 10.88
CA VAL A 12 -3.89 -2.73 11.36
CA VAL A 12 -3.97 -2.81 11.41
C VAL A 12 -3.13 -2.39 12.65
N GLY A 13 -3.16 -1.11 13.00
CA GLY A 13 -2.45 -0.61 14.18
C GLY A 13 -1.98 0.82 13.96
N ASP A 14 -1.51 1.45 15.04
CA ASP A 14 -1.05 2.82 14.98
C ASP A 14 0.18 2.97 14.08
N GLY A 15 0.42 4.20 13.64
CA GLY A 15 1.54 4.53 12.78
C GLY A 15 2.90 4.01 13.20
N ALA A 16 3.21 4.03 14.51
CA ALA A 16 4.57 3.55 14.92
C ALA A 16 4.57 2.10 15.48
N CYS A 17 3.62 1.27 15.05
CA CYS A 17 3.51 -0.09 15.60
C CYS A 17 4.45 -1.12 14.95
N GLY A 18 5.08 -0.80 13.83
CA GLY A 18 5.97 -1.74 13.14
C GLY A 18 5.32 -2.68 12.14
N LYS A 19 4.06 -2.41 11.73
CA LYS A 19 3.36 -3.29 10.79
CA LYS A 19 3.36 -3.29 10.79
C LYS A 19 4.06 -3.37 9.44
N THR A 20 4.57 -2.23 8.92
CA THR A 20 5.22 -2.27 7.60
C THR A 20 6.47 -3.14 7.64
N CYS A 21 7.30 -2.94 8.66
CA CYS A 21 8.52 -3.71 8.81
CA CYS A 21 8.53 -3.71 8.80
C CYS A 21 8.25 -5.20 8.95
N LEU A 22 7.19 -5.55 9.66
CA LEU A 22 6.83 -6.96 9.84
C LEU A 22 6.49 -7.62 8.46
N LEU A 23 5.66 -6.92 7.64
CA LEU A 23 5.33 -7.47 6.30
C LEU A 23 6.58 -7.58 5.42
N ILE A 24 7.46 -6.57 5.46
CA ILE A 24 8.69 -6.59 4.64
C ILE A 24 9.58 -7.79 5.00
N VAL A 25 9.82 -7.95 6.31
CA VAL A 25 10.71 -9.02 6.77
C VAL A 25 10.14 -10.40 6.44
N PHE A 26 8.82 -10.59 6.61
CA PHE A 26 8.23 -11.90 6.31
C PHE A 26 8.32 -12.19 4.81
N SER A 27 7.96 -11.19 3.95
CA SER A 27 7.90 -11.39 2.52
C SER A 27 9.26 -11.59 1.84
N LYS A 28 10.31 -11.03 2.44
CA LYS A 28 11.68 -11.24 1.93
C LYS A 28 12.41 -12.38 2.69
N ASP A 29 11.87 -12.83 3.85
CA ASP A 29 12.49 -13.82 4.76
C ASP A 29 13.85 -13.29 5.26
N GLN A 30 13.93 -11.97 5.50
CA GLN A 30 15.21 -11.36 5.89
C GLN A 30 14.98 -9.93 6.39
N PHE A 31 15.79 -9.46 7.37
CA PHE A 31 15.71 -8.04 7.74
C PHE A 31 16.71 -7.40 6.76
N PRO A 32 16.20 -6.58 5.81
CA PRO A 32 17.09 -5.97 4.78
C PRO A 32 18.39 -5.38 5.31
N GLU A 33 19.51 -5.78 4.72
CA GLU A 33 20.81 -5.32 5.18
C GLU A 33 21.23 -4.00 4.60
N VAL A 34 20.75 -3.65 3.41
CA VAL A 34 21.19 -2.41 2.74
C VAL A 34 20.18 -1.26 2.85
N TYR A 35 18.90 -1.56 2.61
CA TYR A 35 17.87 -0.51 2.63
C TYR A 35 16.56 -1.09 3.12
N VAL A 36 15.97 -0.48 4.15
CA VAL A 36 14.67 -0.92 4.62
C VAL A 36 13.62 -0.08 3.91
N PRO A 37 12.76 -0.70 3.08
CA PRO A 37 11.73 0.08 2.39
C PRO A 37 10.82 0.91 3.28
N THR A 38 10.42 2.07 2.78
CA THR A 38 9.49 2.94 3.48
C THR A 38 8.06 2.39 3.41
N VAL A 39 7.70 1.79 2.25
CA VAL A 39 6.34 1.32 2.07
C VAL A 39 6.28 -0.17 1.63
N PHE A 40 5.07 -0.76 1.73
CA PHE A 40 4.87 -2.13 1.32
C PHE A 40 3.65 -2.08 0.35
N GLU A 41 3.80 -2.62 -0.88
CA GLU A 41 2.70 -2.55 -1.87
C GLU A 41 1.68 -3.68 -1.56
N ASN A 42 2.03 -4.91 -1.88
CA ASN A 42 1.28 -6.12 -1.49
C ASN A 42 2.21 -7.32 -1.76
N TYR A 43 1.76 -8.53 -1.41
CA TYR A 43 2.54 -9.72 -1.64
C TYR A 43 1.59 -10.89 -1.53
N VAL A 44 1.88 -11.97 -2.26
CA VAL A 44 1.07 -13.17 -2.14
C VAL A 44 2.01 -14.29 -1.71
N ALA A 45 1.96 -14.68 -0.40
CA ALA A 45 2.86 -15.70 0.14
C ALA A 45 2.36 -17.12 -0.12
N ASP A 46 3.27 -18.05 -0.46
CA ASP A 46 2.88 -19.46 -0.59
C ASP A 46 3.19 -20.05 0.77
N ILE A 47 2.17 -20.47 1.52
CA ILE A 47 2.36 -20.99 2.88
CA ILE A 47 2.41 -21.02 2.84
C ILE A 47 1.76 -22.39 2.97
N GLU A 48 2.44 -23.33 3.61
CA GLU A 48 1.88 -24.67 3.81
C GLU A 48 1.82 -24.84 5.31
N VAL A 49 0.62 -24.91 5.88
CA VAL A 49 0.49 -25.01 7.33
C VAL A 49 -0.36 -26.22 7.68
N ASP A 50 0.18 -27.12 8.49
CA ASP A 50 -0.53 -28.33 8.91
C ASP A 50 -1.04 -29.15 7.71
N GLY A 51 -0.21 -29.22 6.66
CA GLY A 51 -0.51 -30.00 5.47
C GLY A 51 -1.39 -29.31 4.44
N LYS A 52 -1.84 -28.07 4.72
CA LYS A 52 -2.72 -27.36 3.78
C LYS A 52 -1.97 -26.26 3.05
N GLN A 53 -2.12 -26.16 1.71
CA GLN A 53 -1.44 -25.14 0.95
C GLN A 53 -2.34 -23.93 0.74
N VAL A 54 -1.83 -22.74 1.08
CA VAL A 54 -2.61 -21.51 0.94
C VAL A 54 -1.81 -20.42 0.22
N GLU A 55 -2.49 -19.62 -0.62
CA GLU A 55 -1.90 -18.41 -1.21
C GLU A 55 -2.43 -17.31 -0.27
N LEU A 56 -1.57 -16.69 0.53
CA LEU A 56 -2.02 -15.68 1.51
C LEU A 56 -1.64 -14.30 1.02
N ALA A 57 -2.63 -13.51 0.59
CA ALA A 57 -2.37 -12.15 0.11
C ALA A 57 -2.19 -11.23 1.31
N LEU A 58 -1.12 -10.42 1.32
CA LEU A 58 -0.78 -9.58 2.48
C LEU A 58 -0.97 -8.09 2.17
N TRP A 59 -1.64 -7.36 3.08
CA TRP A 59 -1.89 -5.92 2.88
C TRP A 59 -1.58 -5.13 4.16
N ASP A 60 -1.09 -3.90 3.97
CA ASP A 60 -0.74 -2.96 5.03
C ASP A 60 -1.77 -1.80 5.00
N THR A 61 -2.11 -1.22 6.18
CA THR A 61 -2.97 -0.02 6.25
C THR A 61 -2.11 1.23 6.56
N ALA A 62 -0.76 1.13 6.55
CA ALA A 62 0.12 2.27 6.82
C ALA A 62 -0.19 3.40 5.83
N GLY A 63 -0.28 4.62 6.35
CA GLY A 63 -0.62 5.81 5.59
C GLY A 63 -2.11 6.10 5.61
N GLN A 64 -2.96 5.11 6.01
CA GLN A 64 -4.42 5.32 6.02
C GLN A 64 -4.96 5.67 7.42
N GLU A 65 -4.10 5.75 8.44
CA GLU A 65 -4.55 5.98 9.82
C GLU A 65 -5.36 7.28 10.02
N ASP A 66 -5.05 8.34 9.26
CA ASP A 66 -5.78 9.62 9.42
C ASP A 66 -7.00 9.77 8.49
N TYR A 67 -7.26 8.78 7.62
CA TYR A 67 -8.28 8.89 6.57
C TYR A 67 -9.38 7.86 6.77
N ASP A 68 -10.42 8.24 7.51
CA ASP A 68 -11.50 7.33 7.91
C ASP A 68 -12.39 6.78 6.78
N ARG A 69 -12.45 7.44 5.63
CA ARG A 69 -13.23 6.90 4.50
C ARG A 69 -12.35 6.11 3.53
N LEU A 70 -11.03 6.42 3.45
CA LEU A 70 -10.17 5.60 2.58
C LEU A 70 -9.81 4.28 3.26
N ARG A 71 -9.51 4.32 4.57
CA ARG A 71 -9.00 3.15 5.30
C ARG A 71 -9.89 1.89 5.18
N PRO A 72 -11.21 2.02 5.35
CA PRO A 72 -12.07 0.82 5.28
C PRO A 72 -12.07 0.13 3.92
N LEU A 73 -11.63 0.83 2.85
CA LEU A 73 -11.53 0.18 1.54
C LEU A 73 -10.50 -0.98 1.54
N SER A 74 -9.62 -1.04 2.56
CA SER A 74 -8.66 -2.12 2.70
C SER A 74 -9.34 -3.41 3.24
N TYR A 75 -10.52 -3.30 3.91
CA TYR A 75 -11.14 -4.44 4.59
C TYR A 75 -11.97 -5.46 3.76
N PRO A 76 -12.61 -5.14 2.60
CA PRO A 76 -13.46 -6.17 1.93
C PRO A 76 -12.84 -7.56 1.78
N ASP A 77 -13.60 -8.60 2.17
CA ASP A 77 -13.23 -10.00 2.05
C ASP A 77 -11.94 -10.38 2.77
N THR A 78 -11.62 -9.69 3.88
CA THR A 78 -10.47 -10.09 4.69
C THR A 78 -10.82 -11.42 5.39
N ASP A 79 -9.87 -12.36 5.45
CA ASP A 79 -10.03 -13.63 6.14
C ASP A 79 -9.36 -13.66 7.53
N VAL A 80 -8.33 -12.82 7.75
CA VAL A 80 -7.64 -12.75 9.03
C VAL A 80 -7.07 -11.35 9.21
N ILE A 81 -7.21 -10.83 10.44
CA ILE A 81 -6.67 -9.52 10.82
C ILE A 81 -5.50 -9.69 11.78
N LEU A 82 -4.35 -9.05 11.49
CA LEU A 82 -3.29 -8.96 12.49
C LEU A 82 -3.47 -7.54 13.08
N MET A 83 -3.68 -7.47 14.40
CA MET A 83 -3.87 -6.18 15.05
CA MET A 83 -3.90 -6.21 15.11
C MET A 83 -2.62 -5.92 15.87
N CYS A 84 -1.83 -4.96 15.41
CA CYS A 84 -0.52 -4.71 15.95
CA CYS A 84 -0.49 -4.70 15.97
C CYS A 84 -0.39 -3.54 16.93
N PHE A 85 0.56 -3.67 17.86
CA PHE A 85 0.99 -2.61 18.78
C PHE A 85 2.49 -2.83 18.98
N SER A 86 3.22 -1.79 19.40
CA SER A 86 4.63 -1.97 19.65
C SER A 86 4.83 -2.13 21.15
N ILE A 87 5.67 -3.10 21.55
CA ILE A 87 5.97 -3.34 22.97
C ILE A 87 6.71 -2.13 23.62
N ASP A 88 7.43 -1.35 22.80
CA ASP A 88 8.09 -0.12 23.27
C ASP A 88 7.10 1.07 23.36
N SER A 89 5.80 0.85 23.13
CA SER A 89 4.82 1.92 23.15
C SER A 89 3.55 1.52 23.85
N PRO A 90 3.50 1.62 25.20
CA PRO A 90 2.24 1.31 25.91
C PRO A 90 1.04 2.12 25.39
N ASP A 91 1.28 3.31 24.77
CA ASP A 91 0.24 4.14 24.13
C ASP A 91 -0.39 3.41 22.92
N SER A 92 0.42 2.69 22.11
CA SER A 92 -0.13 1.94 20.97
C SER A 92 -1.09 0.81 21.46
N LEU A 93 -0.87 0.28 22.68
CA LEU A 93 -1.72 -0.78 23.22
C LEU A 93 -3.06 -0.20 23.72
N GLU A 94 -3.02 1.00 24.31
CA GLU A 94 -4.22 1.69 24.81
C GLU A 94 -5.24 2.02 23.69
N ASN A 95 -4.78 2.29 22.47
CA ASN A 95 -5.68 2.58 21.34
C ASN A 95 -6.33 1.32 20.70
N ILE A 96 -5.88 0.13 21.14
CA ILE A 96 -6.43 -1.11 20.61
C ILE A 96 -7.93 -1.29 20.95
N PRO A 97 -8.35 -1.23 22.23
CA PRO A 97 -9.75 -1.59 22.55
C PRO A 97 -10.85 -0.65 22.08
N GLU A 98 -10.62 0.66 22.11
CA GLU A 98 -11.71 1.56 21.77
C GLU A 98 -11.55 2.30 20.43
N LYS A 99 -10.45 2.05 19.67
CA LYS A 99 -10.36 2.63 18.34
C LYS A 99 -10.30 1.50 17.29
N TRP A 100 -9.24 0.68 17.33
CA TRP A 100 -9.08 -0.35 16.31
C TRP A 100 -10.06 -1.49 16.40
N THR A 101 -10.36 -1.95 17.63
CA THR A 101 -11.25 -3.10 17.77
C THR A 101 -12.68 -2.83 17.27
N PRO A 102 -13.37 -1.75 17.70
CA PRO A 102 -14.74 -1.52 17.18
C PRO A 102 -14.75 -1.34 15.65
N GLU A 103 -13.70 -0.73 15.07
CA GLU A 103 -13.66 -0.57 13.61
C GLU A 103 -13.58 -1.92 12.89
N VAL A 104 -12.64 -2.78 13.31
CA VAL A 104 -12.46 -4.07 12.66
C VAL A 104 -13.68 -4.94 12.86
N LYS A 105 -14.30 -4.90 14.06
CA LYS A 105 -15.50 -5.73 14.28
C LYS A 105 -16.67 -5.28 13.39
N HIS A 106 -16.74 -3.99 13.08
CA HIS A 106 -17.80 -3.42 12.25
C HIS A 106 -17.64 -3.83 10.78
N PHE A 107 -16.42 -3.61 10.20
CA PHE A 107 -16.17 -3.90 8.79
C PHE A 107 -15.80 -5.35 8.47
N CYS A 108 -15.34 -6.12 9.48
CA CYS A 108 -14.89 -7.51 9.29
C CYS A 108 -15.59 -8.41 10.32
N PRO A 109 -16.94 -8.46 10.33
CA PRO A 109 -17.61 -9.27 11.35
C PRO A 109 -17.24 -10.73 11.25
N ASN A 110 -16.99 -11.35 12.39
CA ASN A 110 -16.67 -12.77 12.48
C ASN A 110 -15.29 -13.13 11.93
N VAL A 111 -14.44 -12.13 11.60
CA VAL A 111 -13.11 -12.41 11.11
C VAL A 111 -12.18 -12.55 12.30
N PRO A 112 -11.36 -13.62 12.38
CA PRO A 112 -10.45 -13.74 13.53
C PRO A 112 -9.43 -12.62 13.58
N ILE A 113 -9.17 -12.11 14.78
CA ILE A 113 -8.16 -11.08 15.04
C ILE A 113 -7.05 -11.71 15.87
N ILE A 114 -5.81 -11.57 15.43
CA ILE A 114 -4.68 -12.00 16.23
C ILE A 114 -4.01 -10.72 16.71
N LEU A 115 -3.89 -10.53 18.05
CA LEU A 115 -3.24 -9.34 18.60
C LEU A 115 -1.74 -9.68 18.63
N VAL A 116 -0.91 -8.81 18.03
CA VAL A 116 0.52 -9.07 17.90
C VAL A 116 1.31 -7.95 18.54
N GLY A 117 2.17 -8.31 19.48
CA GLY A 117 3.06 -7.36 20.11
C GLY A 117 4.36 -7.36 19.31
N ASN A 118 4.63 -6.27 18.58
CA ASN A 118 5.83 -6.14 17.75
C ASN A 118 7.03 -5.57 18.55
N LYS A 119 8.24 -5.62 17.95
CA LYS A 119 9.45 -5.07 18.56
C LYS A 119 9.72 -5.65 19.96
N LYS A 120 9.52 -6.96 20.14
CA LYS A 120 9.70 -7.58 21.46
C LYS A 120 11.14 -7.47 21.98
N ASP A 121 12.11 -7.27 21.06
CA ASP A 121 13.54 -7.09 21.36
C ASP A 121 13.79 -5.81 22.19
N LEU A 122 12.85 -4.85 22.17
CA LEU A 122 13.00 -3.60 22.93
C LEU A 122 12.58 -3.70 24.42
N ARG A 123 11.98 -4.82 24.81
CA ARG A 123 11.55 -5.06 26.19
C ARG A 123 12.73 -5.01 27.15
N ASN A 124 13.92 -5.44 26.71
CA ASN A 124 15.13 -5.44 27.52
C ASN A 124 16.21 -4.52 26.93
N ASP A 125 15.79 -3.44 26.26
CA ASP A 125 16.69 -2.46 25.67
C ASP A 125 16.80 -1.29 26.66
N GLU A 126 18.02 -0.96 27.11
CA GLU A 126 18.21 0.08 28.12
C GLU A 126 17.76 1.45 27.68
N HIS A 127 18.04 1.84 26.43
CA HIS A 127 17.62 3.15 25.92
C HIS A 127 16.09 3.28 25.94
N THR A 128 15.37 2.19 25.56
CA THR A 128 13.92 2.17 25.59
C THR A 128 13.41 2.33 27.02
N ARG A 129 13.96 1.56 27.98
CA ARG A 129 13.54 1.65 29.37
C ARG A 129 13.76 3.06 29.96
N ARG A 130 14.89 3.71 29.60
CA ARG A 130 15.18 5.06 30.09
C ARG A 130 14.18 6.08 29.53
N GLU A 131 13.94 6.08 28.20
CA GLU A 131 13.00 7.01 27.58
C GLU A 131 11.59 6.85 28.13
N LEU A 132 11.13 5.59 28.30
CA LEU A 132 9.79 5.35 28.83
C LEU A 132 9.66 5.77 30.30
N ALA A 133 10.69 5.53 31.13
CA ALA A 133 10.69 5.89 32.55
C ALA A 133 10.52 7.39 32.81
N LYS A 134 10.82 8.25 31.83
CA LYS A 134 10.62 9.69 31.94
C LYS A 134 9.11 10.04 31.91
N MET A 135 8.29 9.20 31.23
CA MET A 135 6.84 9.40 31.19
C MET A 135 6.10 8.47 32.16
N LYS A 136 6.78 7.97 33.22
CA LYS A 136 6.24 7.05 34.21
C LYS A 136 5.69 5.79 33.51
N GLN A 137 6.46 5.28 32.53
CA GLN A 137 6.05 4.11 31.75
C GLN A 137 7.11 3.01 31.69
N GLU A 138 6.73 1.83 31.21
CA GLU A 138 7.66 0.74 31.01
C GLU A 138 7.24 -0.08 29.78
N PRO A 139 8.13 -0.86 29.14
CA PRO A 139 7.69 -1.67 27.98
C PRO A 139 6.49 -2.56 28.36
N VAL A 140 5.61 -2.83 27.39
CA VAL A 140 4.43 -3.67 27.62
C VAL A 140 4.86 -5.04 28.13
N LYS A 141 4.26 -5.48 29.23
CA LYS A 141 4.56 -6.79 29.82
C LYS A 141 3.79 -7.89 29.07
N PRO A 142 4.31 -9.13 29.04
CA PRO A 142 3.58 -10.22 28.34
C PRO A 142 2.13 -10.39 28.82
N GLU A 143 1.89 -10.31 30.16
CA GLU A 143 0.52 -10.46 30.69
C GLU A 143 -0.36 -9.30 30.28
N GLU A 144 0.22 -8.08 30.03
CA GLU A 144 -0.61 -6.97 29.61
C GLU A 144 -1.09 -7.20 28.16
N GLY A 145 -0.22 -7.75 27.32
CA GLY A 145 -0.62 -8.08 25.95
C GLY A 145 -1.67 -9.19 25.92
N ARG A 146 -1.44 -10.28 26.69
CA ARG A 146 -2.40 -11.38 26.74
C ARG A 146 -3.77 -10.91 27.26
N ASP A 147 -3.77 -10.10 28.35
CA ASP A 147 -5.04 -9.61 28.91
C ASP A 147 -5.80 -8.75 27.93
N MET A 148 -5.07 -7.94 27.14
CA MET A 148 -5.77 -7.09 26.13
C MET A 148 -6.37 -8.00 25.06
N ALA A 149 -5.63 -9.01 24.59
CA ALA A 149 -6.13 -9.92 23.57
C ALA A 149 -7.37 -10.67 24.08
N ASN A 150 -7.34 -11.10 25.35
CA ASN A 150 -8.46 -11.82 25.96
C ASN A 150 -9.70 -10.88 25.98
N ARG A 151 -9.51 -9.63 26.48
CA ARG A 151 -10.57 -8.62 26.59
C ARG A 151 -11.24 -8.26 25.26
N ILE A 152 -10.44 -8.10 24.19
CA ILE A 152 -11.01 -7.70 22.89
C ILE A 152 -11.61 -8.88 22.08
N GLY A 153 -11.59 -10.10 22.60
CA GLY A 153 -12.14 -11.24 21.87
C GLY A 153 -11.22 -11.72 20.75
N ALA A 154 -9.90 -11.52 20.92
CA ALA A 154 -8.94 -11.97 19.89
C ALA A 154 -8.89 -13.50 19.84
N PHE A 155 -8.62 -14.03 18.64
CA PHE A 155 -8.39 -15.45 18.40
C PHE A 155 -7.17 -15.91 19.24
N GLY A 156 -6.17 -15.03 19.38
CA GLY A 156 -5.00 -15.33 20.18
C GLY A 156 -4.05 -14.15 20.28
N TYR A 157 -2.99 -14.33 21.08
CA TYR A 157 -1.95 -13.32 21.33
C TYR A 157 -0.58 -13.89 20.95
N MET A 158 0.21 -13.11 20.20
CA MET A 158 1.54 -13.52 19.77
C MET A 158 2.51 -12.34 19.85
N GLU A 159 3.81 -12.63 19.98
CA GLU A 159 4.84 -11.58 19.97
C GLU A 159 5.91 -11.89 18.90
N CYS A 160 6.55 -10.84 18.39
CA CYS A 160 7.61 -11.03 17.41
C CYS A 160 8.55 -9.86 17.40
N SER A 161 9.68 -10.04 16.70
CA SER A 161 10.66 -8.99 16.46
C SER A 161 11.00 -8.99 14.97
N ALA A 162 10.59 -7.98 14.22
CA ALA A 162 10.99 -7.91 12.81
C ALA A 162 12.53 -7.76 12.70
N LYS A 163 13.15 -7.05 13.65
CA LYS A 163 14.61 -6.85 13.68
C LYS A 163 15.43 -8.15 13.72
N THR A 164 15.06 -9.10 14.58
CA THR A 164 15.80 -10.38 14.66
C THR A 164 15.12 -11.52 13.91
N LYS A 165 13.90 -11.29 13.37
CA LYS A 165 13.03 -12.29 12.70
C LYS A 165 12.37 -13.27 13.69
N ASP A 166 12.70 -13.20 14.99
CA ASP A 166 12.13 -14.14 15.96
C ASP A 166 10.62 -14.01 16.06
N GLY A 167 9.93 -15.13 15.85
CA GLY A 167 8.49 -15.18 15.98
C GLY A 167 7.73 -14.79 14.73
N VAL A 168 8.41 -14.26 13.71
CA VAL A 168 7.75 -13.77 12.52
C VAL A 168 7.08 -14.90 11.73
N ARG A 169 7.82 -16.00 11.43
CA ARG A 169 7.23 -17.11 10.67
C ARG A 169 5.99 -17.66 11.41
N GLU A 170 6.10 -17.80 12.73
CA GLU A 170 5.01 -18.37 13.53
C GLU A 170 3.71 -17.55 13.44
N VAL A 171 3.85 -16.21 13.43
CA VAL A 171 2.70 -15.30 13.34
C VAL A 171 1.95 -15.55 12.05
N PHE A 172 2.69 -15.59 10.90
CA PHE A 172 2.01 -15.78 9.61
C PHE A 172 1.47 -17.21 9.42
N GLU A 173 2.16 -18.23 9.98
CA GLU A 173 1.62 -19.59 9.90
C GLU A 173 0.32 -19.67 10.73
N MET A 174 0.29 -19.05 11.94
CA MET A 174 -0.94 -19.07 12.76
C MET A 174 -2.03 -18.25 12.08
N ALA A 175 -1.68 -17.11 11.47
CA ALA A 175 -2.69 -16.31 10.74
C ALA A 175 -3.34 -17.14 9.60
N THR A 176 -2.55 -18.00 8.93
CA THR A 176 -3.07 -18.84 7.86
C THR A 176 -4.06 -19.87 8.45
N ARG A 177 -3.68 -20.51 9.57
CA ARG A 177 -4.59 -21.45 10.26
C ARG A 177 -5.90 -20.72 10.67
N ALA A 178 -5.81 -19.50 11.22
CA ALA A 178 -7.03 -18.75 11.59
C ALA A 178 -7.91 -18.48 10.37
N ALA A 179 -7.27 -18.09 9.24
CA ALA A 179 -8.01 -17.82 8.01
C ALA A 179 -8.71 -19.07 7.46
N LEU A 180 -8.14 -20.24 7.69
CA LEU A 180 -8.71 -21.50 7.23
C LEU A 180 -9.93 -21.96 8.04
N GLN A 181 -10.03 -21.56 9.32
CA GLN A 181 -11.12 -22.00 10.19
C GLN A 181 -12.47 -21.43 9.77
N SER B 1 5.59 -2.39 -17.95
CA SER B 1 6.75 -1.50 -17.99
CA SER B 1 6.72 -1.47 -18.02
C SER B 1 7.66 -1.83 -19.17
N MET B 2 8.49 -0.87 -19.58
CA MET B 2 9.43 -1.11 -20.66
C MET B 2 10.78 -1.52 -20.07
N GLU B 3 11.50 -2.40 -20.78
CA GLU B 3 12.74 -2.99 -20.30
C GLU B 3 13.79 -1.98 -19.80
N MET B 4 13.94 -0.84 -20.50
CA MET B 4 14.90 0.17 -20.10
CA MET B 4 14.86 0.23 -20.14
C MET B 4 14.64 0.67 -18.68
N ASP B 5 13.38 0.98 -18.35
CA ASP B 5 13.03 1.48 -17.02
C ASP B 5 13.08 0.37 -15.98
N GLU B 6 12.67 -0.85 -16.37
CA GLU B 6 12.71 -1.99 -15.42
C GLU B 6 14.14 -2.25 -14.99
N LYS B 7 15.09 -2.24 -15.93
CA LYS B 7 16.48 -2.48 -15.58
C LYS B 7 17.04 -1.35 -14.70
N ASP B 8 16.68 -0.09 -15.03
CA ASP B 8 17.16 1.05 -14.22
C ASP B 8 16.63 0.99 -12.76
N PHE B 9 15.50 0.32 -12.54
CA PHE B 9 14.90 0.22 -11.21
C PHE B 9 14.83 -1.26 -10.72
N ALA B 10 15.72 -2.14 -11.24
CA ALA B 10 15.75 -3.56 -10.83
C ALA B 10 16.38 -3.72 -9.43
N ALA B 11 17.36 -2.85 -9.07
CA ALA B 11 18.06 -3.00 -7.78
C ALA B 11 17.17 -2.67 -6.59
N ASP B 12 17.48 -3.26 -5.41
CA ASP B 12 16.68 -2.98 -4.21
C ASP B 12 16.84 -1.57 -3.69
N SER B 13 17.89 -0.84 -4.12
CA SER B 13 18.11 0.52 -3.64
C SER B 13 18.92 1.33 -4.66
N TRP B 14 18.98 2.66 -4.45
CA TRP B 14 19.84 3.53 -5.26
C TRP B 14 21.31 3.12 -5.04
N SER B 15 21.69 2.80 -3.77
CA SER B 15 23.10 2.44 -3.46
C SER B 15 23.54 1.17 -4.20
N LEU B 16 22.59 0.27 -4.55
CA LEU B 16 22.91 -0.95 -5.32
C LEU B 16 22.68 -0.74 -6.85
N ALA B 17 21.94 0.31 -7.25
CA ALA B 17 21.68 0.61 -8.67
C ALA B 17 22.89 1.30 -9.34
N VAL B 18 23.53 2.21 -8.60
CA VAL B 18 24.69 2.95 -9.16
C VAL B 18 25.98 2.11 -9.08
N ASP B 19 27.02 2.48 -9.85
CA ASP B 19 28.31 1.79 -9.77
C ASP B 19 28.91 2.02 -8.37
N SER B 20 29.60 1.02 -7.80
CA SER B 20 30.19 1.22 -6.45
C SER B 20 31.23 2.34 -6.43
N SER B 21 31.98 2.53 -7.54
CA SER B 21 32.94 3.64 -7.59
C SER B 21 32.24 5.00 -7.58
N PHE B 22 30.97 5.09 -8.01
CA PHE B 22 30.21 6.33 -7.95
C PHE B 22 29.64 6.51 -6.54
N LEU B 23 29.08 5.42 -5.95
CA LEU B 23 28.54 5.46 -4.59
C LEU B 23 29.58 5.98 -3.60
N GLN B 24 30.81 5.49 -3.74
CA GLN B 24 31.93 5.86 -2.88
C GLN B 24 32.24 7.33 -2.84
N GLN B 25 31.85 8.07 -3.89
CA GLN B 25 32.13 9.51 -3.95
C GLN B 25 31.14 10.37 -3.16
N HIS B 26 30.08 9.78 -2.58
CA HIS B 26 29.06 10.57 -1.89
C HIS B 26 28.99 10.35 -0.39
N LYS B 27 28.56 11.37 0.33
CA LYS B 27 28.37 11.27 1.77
C LYS B 27 27.17 10.37 2.07
N LYS B 28 27.15 9.77 3.27
CA LYS B 28 26.10 8.86 3.71
C LYS B 28 24.74 9.56 3.65
N GLU B 29 24.68 10.85 4.03
CA GLU B 29 23.39 11.55 4.01
C GLU B 29 22.79 11.65 2.59
N VAL B 30 23.66 11.86 1.59
CA VAL B 30 23.21 11.91 0.19
C VAL B 30 22.71 10.55 -0.24
N MET B 31 23.43 9.47 0.12
CA MET B 31 22.99 8.11 -0.18
C MET B 31 21.59 7.83 0.44
N LYS B 32 21.37 8.23 1.72
CA LYS B 32 20.07 7.97 2.38
C LYS B 32 18.94 8.72 1.65
N GLN B 33 19.21 10.00 1.28
CA GLN B 33 18.21 10.76 0.52
C GLN B 33 17.92 10.07 -0.85
N GLN B 34 18.99 9.69 -1.58
CA GLN B 34 18.79 9.09 -2.91
C GLN B 34 18.09 7.73 -2.86
N ASP B 35 18.34 6.95 -1.81
CA ASP B 35 17.66 5.65 -1.67
C ASP B 35 16.11 5.86 -1.57
N VAL B 36 15.65 6.93 -0.84
CA VAL B 36 14.19 7.12 -0.70
C VAL B 36 13.59 7.69 -1.98
N ILE B 37 14.34 8.60 -2.67
CA ILE B 37 13.85 9.13 -3.96
C ILE B 37 13.72 7.98 -4.97
N TYR B 38 14.70 7.08 -4.97
CA TYR B 38 14.69 5.90 -5.85
C TYR B 38 13.43 5.04 -5.52
N GLU B 39 13.13 4.85 -4.23
CA GLU B 39 11.93 4.06 -3.87
C GLU B 39 10.64 4.76 -4.37
N LEU B 40 10.59 6.11 -4.31
CA LEU B 40 9.38 6.83 -4.79
C LEU B 40 9.21 6.55 -6.31
N ILE B 41 10.30 6.68 -7.08
CA ILE B 41 10.20 6.48 -8.52
C ILE B 41 9.93 5.05 -8.85
N GLN B 42 10.64 4.11 -8.22
CA GLN B 42 10.43 2.66 -8.46
C GLN B 42 8.95 2.29 -8.17
N THR B 43 8.39 2.73 -7.03
CA THR B 43 6.99 2.39 -6.73
C THR B 43 6.01 3.12 -7.68
N GLU B 44 6.40 4.31 -8.19
CA GLU B 44 5.54 4.98 -9.18
C GLU B 44 5.57 4.18 -10.51
N LEU B 45 6.77 3.67 -10.91
CA LEU B 45 6.87 2.83 -12.12
C LEU B 45 5.95 1.57 -11.97
N HIS B 46 5.97 0.94 -10.79
CA HIS B 46 5.11 -0.24 -10.54
C HIS B 46 3.62 0.13 -10.53
N HIS B 47 3.28 1.30 -10.04
CA HIS B 47 1.87 1.77 -9.96
C HIS B 47 1.35 2.01 -11.38
N VAL B 48 2.19 2.65 -12.24
CA VAL B 48 1.78 2.83 -13.63
C VAL B 48 1.61 1.46 -14.32
N ARG B 49 2.48 0.50 -13.99
CA ARG B 49 2.38 -0.86 -14.55
C ARG B 49 1.05 -1.54 -14.10
N THR B 50 0.64 -1.35 -12.83
CA THR B 50 -0.65 -1.88 -12.33
C THR B 50 -1.80 -1.28 -13.17
N LEU B 51 -1.71 0.03 -13.48
CA LEU B 51 -2.77 0.67 -14.29
C LEU B 51 -2.75 0.10 -15.72
N LYS B 52 -1.56 -0.20 -16.27
CA LYS B 52 -1.48 -0.79 -17.62
C LYS B 52 -2.06 -2.21 -17.63
N ILE B 53 -1.88 -3.02 -16.55
CA ILE B 53 -2.50 -4.35 -16.49
C ILE B 53 -4.04 -4.17 -16.51
N MET B 54 -4.55 -3.19 -15.76
CA MET B 54 -5.99 -2.94 -15.73
C MET B 54 -6.53 -2.50 -17.09
N THR B 55 -5.85 -1.56 -17.77
CA THR B 55 -6.36 -1.06 -19.06
C THR B 55 -6.12 -2.04 -20.20
N ARG B 56 -4.88 -2.50 -20.36
CA ARG B 56 -4.51 -3.32 -21.52
C ARG B 56 -4.80 -4.78 -21.37
N LEU B 57 -4.49 -5.37 -20.21
CA LEU B 57 -4.71 -6.82 -20.07
C LEU B 57 -6.18 -7.12 -19.77
N PHE B 58 -6.73 -6.52 -18.71
CA PHE B 58 -8.10 -6.87 -18.30
C PHE B 58 -9.18 -6.15 -19.13
N ARG B 59 -9.22 -4.82 -19.06
CA ARG B 59 -10.28 -4.05 -19.72
C ARG B 59 -10.38 -4.34 -21.22
N THR B 60 -9.30 -4.12 -21.95
CA THR B 60 -9.28 -4.32 -23.38
C THR B 60 -9.49 -5.80 -23.74
N GLY B 61 -8.92 -6.72 -22.96
CA GLY B 61 -9.14 -8.14 -23.18
C GLY B 61 -10.60 -8.54 -23.07
N MET B 62 -11.32 -7.99 -22.06
CA MET B 62 -12.76 -8.26 -21.90
C MET B 62 -13.56 -7.70 -23.08
N LEU B 63 -13.21 -6.48 -23.54
CA LEU B 63 -13.91 -5.88 -24.68
C LEU B 63 -13.69 -6.68 -25.96
N GLU B 64 -12.48 -7.20 -26.15
CA GLU B 64 -12.14 -7.92 -27.38
C GLU B 64 -12.47 -9.42 -27.43
N GLU B 65 -12.58 -10.10 -26.26
N GLU B 65 -12.28 -10.14 -26.34
CA GLU B 65 -12.90 -11.53 -26.19
CA GLU B 65 -12.45 -11.60 -26.35
C GLU B 65 -14.30 -11.87 -25.66
C GLU B 65 -13.80 -12.04 -25.82
N LEU B 66 -14.85 -11.07 -24.74
N LEU B 66 -14.33 -11.33 -24.84
CA LEU B 66 -16.11 -11.41 -24.08
CA LEU B 66 -15.64 -11.67 -24.27
C LEU B 66 -17.35 -10.65 -24.59
C LEU B 66 -16.78 -10.87 -24.88
N HIS B 67 -18.55 -11.18 -24.28
N HIS B 67 -16.48 -9.76 -25.60
CA HIS B 67 -19.82 -10.57 -24.67
CA HIS B 67 -17.45 -8.84 -26.18
C HIS B 67 -20.51 -10.00 -23.43
C HIS B 67 -18.43 -8.34 -25.11
N LEU B 68 -19.83 -9.10 -22.70
N LEU B 68 -17.90 -8.08 -23.90
CA LEU B 68 -20.41 -8.51 -21.50
CA LEU B 68 -18.73 -7.59 -22.80
C LEU B 68 -21.43 -7.43 -21.84
C LEU B 68 -19.23 -6.19 -23.10
N GLU B 69 -22.49 -7.29 -21.05
N GLU B 69 -20.37 -5.83 -22.52
CA GLU B 69 -23.52 -6.27 -21.26
CA GLU B 69 -20.97 -4.51 -22.70
C GLU B 69 -22.88 -4.86 -21.18
C GLU B 69 -20.04 -3.47 -22.09
N PRO B 70 -23.32 -3.89 -22.01
N PRO B 70 -19.75 -2.38 -22.84
CA PRO B 70 -22.71 -2.54 -21.94
CA PRO B 70 -18.85 -1.35 -22.31
C PRO B 70 -22.76 -1.92 -20.54
C PRO B 70 -19.23 -0.81 -20.93
N GLY B 71 -21.68 -1.24 -20.16
N GLY B 71 -20.52 -0.77 -20.61
CA GLY B 71 -21.56 -0.63 -18.84
CA GLY B 71 -20.97 -0.32 -19.30
C GLY B 71 -20.93 -1.54 -17.79
C GLY B 71 -20.60 -1.27 -18.17
N VAL B 72 -20.77 -2.83 -18.11
N VAL B 72 -20.61 -2.58 -18.44
CA VAL B 72 -20.16 -3.77 -17.17
CA VAL B 72 -20.23 -3.57 -17.42
C VAL B 72 -18.64 -3.54 -17.08
C VAL B 72 -18.72 -3.44 -17.15
N VAL B 73 -17.93 -3.37 -18.21
CA VAL B 73 -16.48 -3.18 -18.16
C VAL B 73 -16.10 -1.86 -17.44
N GLN B 74 -16.87 -0.79 -17.69
CA GLN B 74 -16.63 0.49 -17.03
CA GLN B 74 -16.66 0.50 -17.03
C GLN B 74 -16.87 0.37 -15.50
N GLY B 75 -17.82 -0.47 -15.10
CA GLY B 75 -18.13 -0.70 -13.69
C GLY B 75 -17.01 -1.46 -12.98
N LEU B 76 -16.28 -2.33 -13.72
CA LEU B 76 -15.18 -3.09 -13.16
C LEU B 76 -13.95 -2.23 -13.04
N PHE B 77 -13.70 -1.34 -14.04
CA PHE B 77 -12.49 -0.53 -14.09
C PHE B 77 -12.81 0.96 -14.15
N PRO B 78 -13.44 1.51 -13.09
CA PRO B 78 -13.80 2.94 -13.15
C PRO B 78 -12.58 3.85 -13.28
N CYS B 79 -12.63 4.93 -14.11
CA CYS B 79 -11.59 5.96 -14.19
C CYS B 79 -10.19 5.49 -14.60
N VAL B 80 -10.04 4.24 -15.09
CA VAL B 80 -8.68 3.73 -15.36
CA VAL B 80 -8.71 3.73 -15.35
C VAL B 80 -7.94 4.53 -16.42
N ASP B 81 -8.63 5.02 -17.46
CA ASP B 81 -7.90 5.82 -18.49
C ASP B 81 -7.39 7.15 -17.89
N GLU B 82 -8.23 7.81 -17.07
CA GLU B 82 -7.87 9.07 -16.44
CA GLU B 82 -7.83 9.08 -16.47
C GLU B 82 -6.71 8.86 -15.44
N LEU B 83 -6.78 7.77 -14.66
CA LEU B 83 -5.72 7.46 -13.68
C LEU B 83 -4.41 7.19 -14.43
N SER B 84 -4.49 6.44 -15.54
CA SER B 84 -3.29 6.13 -16.34
C SER B 84 -2.68 7.42 -16.88
N ASP B 85 -3.51 8.37 -17.37
CA ASP B 85 -2.96 9.63 -17.90
C ASP B 85 -2.26 10.45 -16.79
N ILE B 86 -2.89 10.54 -15.61
CA ILE B 86 -2.28 11.29 -14.50
C ILE B 86 -0.89 10.72 -14.11
N HIS B 87 -0.83 9.39 -13.85
CA HIS B 87 0.39 8.79 -13.33
C HIS B 87 1.44 8.58 -14.40
N THR B 88 1.05 8.32 -15.66
CA THR B 88 2.06 8.14 -16.72
C THR B 88 2.77 9.49 -16.94
N ARG B 89 2.01 10.61 -16.88
CA ARG B 89 2.61 11.93 -17.03
C ARG B 89 3.53 12.22 -15.84
N PHE B 90 3.08 11.90 -14.61
CA PHE B 90 3.91 12.14 -13.44
C PHE B 90 5.19 11.30 -13.51
N LEU B 91 5.07 10.02 -13.90
CA LEU B 91 6.21 9.10 -14.03
C LEU B 91 7.18 9.66 -15.10
N SER B 92 6.65 10.19 -16.21
CA SER B 92 7.50 10.75 -17.26
CA SER B 92 7.48 10.77 -17.26
C SER B 92 8.37 11.88 -16.70
N GLN B 93 7.78 12.76 -15.87
CA GLN B 93 8.53 13.87 -15.26
C GLN B 93 9.62 13.36 -14.29
N LEU B 94 9.27 12.35 -13.47
CA LEU B 94 10.27 11.79 -12.53
C LEU B 94 11.44 11.16 -13.29
N LEU B 95 11.14 10.34 -14.34
CA LEU B 95 12.19 9.66 -15.11
C LEU B 95 13.03 10.67 -15.89
N GLU B 96 12.40 11.78 -16.37
CA GLU B 96 13.19 12.80 -17.10
C GLU B 96 14.14 13.55 -16.13
N ARG B 97 13.70 13.80 -14.88
CA ARG B 97 14.56 14.43 -13.87
C ARG B 97 15.80 13.53 -13.60
N ARG B 98 15.57 12.21 -13.48
CA ARG B 98 16.68 11.26 -13.30
C ARG B 98 17.58 11.27 -14.55
N ARG B 99 16.99 11.18 -15.74
CA ARG B 99 17.77 11.09 -16.99
C ARG B 99 18.68 12.35 -17.15
N GLN B 100 18.13 13.53 -16.90
CA GLN B 100 18.94 14.77 -16.98
C GLN B 100 20.10 14.77 -15.99
N ALA B 101 19.91 14.10 -14.84
CA ALA B 101 20.96 14.08 -13.82
C ALA B 101 22.07 13.04 -14.08
N LEU B 102 21.91 12.16 -15.10
CA LEU B 102 22.95 11.13 -15.34
C LEU B 102 24.30 11.75 -15.68
N CYS B 103 25.38 11.15 -15.21
CA CYS B 103 26.72 11.58 -15.63
C CYS B 103 26.90 11.21 -17.10
N PRO B 104 27.61 12.05 -17.89
CA PRO B 104 27.94 11.64 -19.25
C PRO B 104 28.73 10.34 -19.25
N GLY B 105 28.40 9.44 -20.16
CA GLY B 105 29.07 8.15 -20.22
C GLY B 105 28.41 7.10 -19.33
N SER B 106 27.28 7.47 -18.65
CA SER B 106 26.62 6.52 -17.78
C SER B 106 25.14 6.47 -18.03
N THR B 107 24.54 5.28 -17.85
CA THR B 107 23.09 5.16 -17.91
C THR B 107 22.54 4.81 -16.50
N ARG B 108 23.40 4.83 -15.44
CA ARG B 108 22.92 4.50 -14.11
C ARG B 108 23.37 5.41 -12.99
N ASN B 109 24.44 6.22 -13.19
CA ASN B 109 24.94 7.09 -12.12
C ASN B 109 24.35 8.49 -12.17
N PHE B 110 23.57 8.84 -11.13
CA PHE B 110 22.91 10.15 -11.05
C PHE B 110 22.62 10.46 -9.57
N VAL B 111 22.41 11.75 -9.30
CA VAL B 111 21.93 12.23 -8.01
C VAL B 111 20.82 13.26 -8.32
N ILE B 112 19.63 13.09 -7.76
CA ILE B 112 18.56 14.06 -7.94
C ILE B 112 18.60 15.00 -6.71
N HIS B 113 18.96 16.25 -6.94
CA HIS B 113 19.04 17.23 -5.85
C HIS B 113 17.77 18.07 -5.70
N ARG B 114 16.89 18.15 -6.75
N ARG B 114 17.01 18.17 -6.78
CA ARG B 114 15.74 19.09 -6.74
CA ARG B 114 15.80 18.93 -6.84
C ARG B 114 14.31 18.53 -6.92
C ARG B 114 14.69 18.00 -7.20
N LEU B 115 14.00 17.46 -6.24
N LEU B 115 13.87 17.68 -6.20
CA LEU B 115 12.69 16.83 -6.35
CA LEU B 115 12.68 16.86 -6.37
C LEU B 115 11.48 17.67 -5.87
C LEU B 115 11.47 17.67 -5.87
N GLY B 116 11.66 18.48 -4.82
CA GLY B 116 10.58 19.28 -4.24
C GLY B 116 9.74 20.07 -5.22
N ASP B 117 10.39 20.77 -6.16
CA ASP B 117 9.64 21.59 -7.13
CA ASP B 117 9.65 21.59 -7.12
C ASP B 117 8.74 20.75 -8.01
N LEU B 118 9.19 19.54 -8.38
CA LEU B 118 8.41 18.63 -9.24
C LEU B 118 7.18 18.18 -8.44
N LEU B 119 7.37 17.82 -7.15
CA LEU B 119 6.23 17.41 -6.31
C LEU B 119 5.23 18.54 -6.06
N ILE B 120 5.71 19.80 -5.85
CA ILE B 120 4.78 20.94 -5.68
C ILE B 120 3.95 21.09 -6.95
N SER B 121 4.61 20.99 -8.13
CA SER B 121 3.87 21.12 -9.40
CA SER B 121 3.90 21.11 -9.40
C SER B 121 2.82 20.00 -9.55
N GLN B 122 3.19 18.75 -9.26
CA GLN B 122 2.23 17.65 -9.36
C GLN B 122 1.01 17.84 -8.42
N PHE B 123 1.26 18.28 -7.19
CA PHE B 123 0.22 18.35 -6.17
C PHE B 123 -0.36 19.77 -5.98
N SER B 124 -0.29 20.61 -7.02
CA SER B 124 -0.95 21.93 -6.99
C SER B 124 -1.58 22.22 -8.37
N GLY B 125 -2.45 23.23 -8.44
CA GLY B 125 -3.05 23.63 -9.71
C GLY B 125 -3.96 22.59 -10.37
N PRO B 126 -4.15 22.70 -11.69
CA PRO B 126 -5.05 21.76 -12.39
C PRO B 126 -4.71 20.28 -12.23
N SER B 127 -3.41 19.88 -12.18
CA SER B 127 -3.11 18.45 -12.02
C SER B 127 -3.62 17.96 -10.63
N ALA B 128 -3.50 18.80 -9.56
CA ALA B 128 -4.03 18.37 -8.25
C ALA B 128 -5.57 18.29 -8.28
N GLU B 129 -6.24 19.24 -8.96
CA GLU B 129 -7.71 19.21 -9.06
C GLU B 129 -8.16 17.95 -9.80
N GLN B 130 -7.43 17.57 -10.86
CA GLN B 130 -7.76 16.35 -11.61
CA GLN B 130 -7.72 16.36 -11.63
C GLN B 130 -7.52 15.12 -10.74
N MET B 131 -6.41 15.10 -9.96
CA MET B 131 -6.17 13.94 -9.05
C MET B 131 -7.29 13.83 -8.01
N CYS B 132 -7.69 14.98 -7.44
CA CYS B 132 -8.77 14.99 -6.44
C CYS B 132 -10.09 14.47 -7.04
N LYS B 133 -10.46 14.98 -8.22
CA LYS B 133 -11.74 14.57 -8.85
C LYS B 133 -11.71 13.07 -9.20
N THR B 134 -10.58 12.61 -9.78
CA THR B 134 -10.47 11.24 -10.24
C THR B 134 -10.44 10.22 -9.08
N TYR B 135 -9.64 10.48 -8.01
CA TYR B 135 -9.62 9.54 -6.86
C TYR B 135 -10.93 9.59 -6.07
N SER B 136 -11.61 10.76 -6.02
CA SER B 136 -12.91 10.81 -5.29
C SER B 136 -13.93 9.88 -6.03
N GLU B 137 -13.89 9.90 -7.38
CA GLU B 137 -14.77 9.08 -8.19
CA GLU B 137 -14.79 9.05 -8.15
C GLU B 137 -14.35 7.59 -8.07
N PHE B 138 -13.04 7.30 -8.27
CA PHE B 138 -12.53 5.93 -8.21
C PHE B 138 -12.81 5.26 -6.85
N CYS B 139 -12.41 5.92 -5.77
CA CYS B 139 -12.56 5.33 -4.44
C CYS B 139 -14.03 5.20 -4.04
N SER B 140 -14.93 6.08 -4.57
CA SER B 140 -16.37 5.91 -4.29
C SER B 140 -16.99 4.73 -5.07
N ARG B 141 -16.31 4.28 -6.14
CA ARG B 141 -16.77 3.17 -6.99
C ARG B 141 -16.06 1.83 -6.73
N HIS B 142 -15.14 1.82 -5.75
CA HIS B 142 -14.29 0.70 -5.40
C HIS B 142 -15.12 -0.53 -4.95
N SER B 143 -16.00 -0.38 -3.92
CA SER B 143 -16.81 -1.51 -3.44
CA SER B 143 -16.81 -1.50 -3.43
C SER B 143 -17.68 -2.10 -4.55
N LYS B 144 -18.28 -1.24 -5.39
CA LYS B 144 -19.14 -1.67 -6.47
C LYS B 144 -18.35 -2.49 -7.49
N ALA B 145 -17.11 -2.07 -7.77
CA ALA B 145 -16.27 -2.79 -8.75
C ALA B 145 -15.99 -4.21 -8.24
N LEU B 146 -15.65 -4.34 -6.94
CA LEU B 146 -15.35 -5.65 -6.34
C LEU B 146 -16.55 -6.57 -6.38
N LYS B 147 -17.74 -6.04 -6.08
CA LYS B 147 -18.96 -6.87 -6.07
C LYS B 147 -19.35 -7.31 -7.48
N LEU B 148 -19.18 -6.43 -8.47
CA LEU B 148 -19.47 -6.76 -9.87
C LEU B 148 -18.52 -7.86 -10.34
N TYR B 149 -17.23 -7.76 -9.94
CA TYR B 149 -16.23 -8.77 -10.30
C TYR B 149 -16.63 -10.15 -9.73
N LYS B 150 -16.96 -10.17 -8.44
CA LYS B 150 -17.33 -11.43 -7.78
C LYS B 150 -18.56 -12.07 -8.40
N GLU B 151 -19.54 -11.25 -8.77
CA GLU B 151 -20.77 -11.74 -9.39
CA GLU B 151 -20.77 -11.73 -9.40
C GLU B 151 -20.46 -12.38 -10.75
N LEU B 152 -19.66 -11.69 -11.58
CA LEU B 152 -19.32 -12.20 -12.90
C LEU B 152 -18.47 -13.47 -12.83
N TYR B 153 -17.50 -13.52 -11.89
CA TYR B 153 -16.64 -14.70 -11.76
C TYR B 153 -17.45 -15.94 -11.32
N ALA B 154 -18.48 -15.74 -10.50
CA ALA B 154 -19.27 -16.87 -10.00
C ALA B 154 -20.30 -17.39 -10.99
N ARG B 155 -20.79 -16.53 -11.89
CA ARG B 155 -21.90 -16.93 -12.77
CA ARG B 155 -21.92 -16.85 -12.77
C ARG B 155 -21.58 -17.05 -14.25
N ASP B 156 -20.49 -16.44 -14.74
CA ASP B 156 -20.16 -16.48 -16.16
C ASP B 156 -18.92 -17.33 -16.45
N LYS B 157 -19.13 -18.49 -17.09
CA LYS B 157 -18.07 -19.44 -17.43
C LYS B 157 -16.99 -18.82 -18.31
N ARG B 158 -17.40 -18.11 -19.37
CA ARG B 158 -16.41 -17.50 -20.28
C ARG B 158 -15.60 -16.41 -19.50
N PHE B 159 -16.24 -15.67 -18.59
CA PHE B 159 -15.53 -14.66 -17.78
C PHE B 159 -14.51 -15.33 -16.84
N GLN B 160 -14.91 -16.43 -16.18
CA GLN B 160 -14.02 -17.18 -15.29
C GLN B 160 -12.80 -17.72 -16.08
N GLN B 161 -13.06 -18.31 -17.28
CA GLN B 161 -11.95 -18.84 -18.09
C GLN B 161 -11.00 -17.71 -18.51
N PHE B 162 -11.56 -16.53 -18.88
CA PHE B 162 -10.72 -15.40 -19.28
C PHE B 162 -9.82 -14.96 -18.10
N ILE B 163 -10.40 -14.79 -16.91
CA ILE B 163 -9.62 -14.36 -15.73
C ILE B 163 -8.52 -15.39 -15.41
N ARG B 164 -8.89 -16.68 -15.35
CA ARG B 164 -7.91 -17.71 -15.00
C ARG B 164 -6.78 -17.76 -16.05
N LYS B 165 -7.10 -17.49 -17.33
CA LYS B 165 -6.13 -17.52 -18.39
C LYS B 165 -5.10 -16.37 -18.27
N VAL B 166 -5.59 -15.12 -18.15
CA VAL B 166 -4.69 -13.98 -18.15
C VAL B 166 -3.98 -13.77 -16.82
N THR B 167 -4.51 -14.36 -15.71
CA THR B 167 -3.82 -14.25 -14.41
C THR B 167 -2.97 -15.49 -14.06
N ARG B 168 -2.88 -16.47 -14.96
CA ARG B 168 -2.08 -17.67 -14.72
C ARG B 168 -0.56 -17.43 -14.60
N PRO B 169 0.04 -16.56 -15.44
CA PRO B 169 1.50 -16.37 -15.37
C PRO B 169 1.97 -15.91 -13.99
N ALA B 170 3.15 -16.40 -13.56
CA ALA B 170 3.73 -16.03 -12.27
C ALA B 170 3.88 -14.50 -12.09
N VAL B 171 4.16 -13.77 -13.19
CA VAL B 171 4.32 -12.31 -13.08
C VAL B 171 3.01 -11.59 -12.70
N LEU B 172 1.84 -12.28 -12.78
CA LEU B 172 0.56 -11.67 -12.38
C LEU B 172 0.10 -12.15 -10.96
N LYS B 173 0.96 -12.86 -10.22
CA LYS B 173 0.58 -13.43 -8.92
C LYS B 173 -0.07 -12.45 -7.96
N ARG B 174 0.46 -11.22 -7.89
CA ARG B 174 -0.03 -10.14 -7.00
C ARG B 174 -1.06 -9.21 -7.67
N HIS B 175 -1.43 -9.48 -8.92
CA HIS B 175 -2.21 -8.53 -9.72
C HIS B 175 -3.50 -9.08 -10.33
N GLY B 176 -4.29 -9.79 -9.54
CA GLY B 176 -5.66 -10.11 -9.97
C GLY B 176 -6.49 -8.81 -9.98
N VAL B 177 -7.73 -8.88 -10.50
CA VAL B 177 -8.60 -7.69 -10.60
C VAL B 177 -8.78 -6.98 -9.26
N GLN B 178 -9.14 -7.72 -8.21
CA GLN B 178 -9.41 -7.09 -6.92
C GLN B 178 -8.12 -6.49 -6.31
N GLU B 179 -6.99 -7.18 -6.49
CA GLU B 179 -5.68 -6.74 -6.01
C GLU B 179 -5.29 -5.42 -6.72
N CYS B 180 -5.53 -5.32 -8.05
CA CYS B 180 -5.22 -4.07 -8.76
C CYS B 180 -6.03 -2.89 -8.18
N ILE B 181 -7.35 -3.15 -7.92
CA ILE B 181 -8.20 -2.06 -7.42
C ILE B 181 -7.68 -1.55 -6.09
N LEU B 182 -7.34 -2.48 -5.14
CA LEU B 182 -6.85 -2.01 -3.85
C LEU B 182 -5.44 -1.37 -3.95
N LEU B 183 -4.60 -1.88 -4.86
CA LEU B 183 -3.26 -1.26 -5.07
C LEU B 183 -3.41 0.22 -5.50
N VAL B 184 -4.43 0.50 -6.33
CA VAL B 184 -4.63 1.88 -6.82
C VAL B 184 -5.16 2.75 -5.70
N THR B 185 -6.21 2.28 -4.97
CA THR B 185 -6.74 3.03 -3.85
C THR B 185 -5.67 3.36 -2.80
N GLN B 186 -4.76 2.38 -2.53
CA GLN B 186 -3.74 2.60 -1.51
C GLN B 186 -2.56 3.47 -1.98
N ARG B 187 -2.41 3.67 -3.30
CA ARG B 187 -1.23 4.43 -3.79
C ARG B 187 -1.16 5.84 -3.20
N ILE B 188 -2.30 6.55 -3.20
CA ILE B 188 -2.29 7.94 -2.78
C ILE B 188 -1.84 8.17 -1.34
N THR B 189 -2.17 7.20 -0.44
CA THR B 189 -1.74 7.34 0.95
C THR B 189 -0.26 6.90 1.18
N LYS B 190 0.43 6.40 0.13
CA LYS B 190 1.87 6.09 0.29
C LYS B 190 2.69 7.41 0.15
N TYR B 191 2.17 8.41 -0.61
CA TYR B 191 2.97 9.61 -0.91
C TYR B 191 3.50 10.35 0.35
N PRO B 192 2.66 10.62 1.40
CA PRO B 192 3.21 11.35 2.56
C PRO B 192 4.31 10.58 3.26
N LEU B 193 4.22 9.24 3.32
CA LEU B 193 5.24 8.43 3.98
CA LEU B 193 5.25 8.44 3.98
C LEU B 193 6.58 8.57 3.23
N LEU B 194 6.54 8.48 1.90
CA LEU B 194 7.75 8.61 1.09
C LEU B 194 8.32 10.04 1.17
N ILE B 195 7.46 11.06 1.02
CA ILE B 195 7.90 12.45 1.03
C ILE B 195 8.50 12.83 2.39
N SER B 196 7.86 12.40 3.51
CA SER B 196 8.38 12.71 4.82
CA SER B 196 8.40 12.73 4.83
CA SER B 196 8.39 12.72 4.83
C SER B 196 9.80 12.14 5.02
N ARG B 197 10.03 10.90 4.52
CA ARG B 197 11.34 10.29 4.70
C ARG B 197 12.38 10.97 3.78
N ILE B 198 11.96 11.39 2.57
CA ILE B 198 12.91 12.15 1.69
C ILE B 198 13.30 13.48 2.40
N LEU B 199 12.30 14.14 2.98
CA LEU B 199 12.50 15.42 3.66
C LEU B 199 13.47 15.26 4.86
N GLN B 200 13.34 14.16 5.60
CA GLN B 200 14.23 13.86 6.73
C GLN B 200 15.72 13.90 6.34
N HIS B 201 16.03 13.59 5.06
CA HIS B 201 17.40 13.57 4.56
C HIS B 201 17.70 14.70 3.56
N SER B 202 16.89 15.77 3.59
CA SER B 202 17.09 16.87 2.62
C SER B 202 17.29 18.22 3.30
N HIS B 203 17.94 18.21 4.48
CA HIS B 203 18.18 19.47 5.18
C HIS B 203 19.40 20.27 4.68
N GLY B 204 20.29 19.62 3.93
CA GLY B 204 21.52 20.24 3.44
C GLY B 204 21.35 21.50 2.61
N ILE B 205 20.24 21.59 1.83
CA ILE B 205 19.93 22.78 1.03
CA ILE B 205 19.93 22.77 1.03
C ILE B 205 18.60 23.29 1.55
N GLU B 206 18.60 24.48 2.16
CA GLU B 206 17.37 25.03 2.75
C GLU B 206 16.22 25.19 1.74
N GLU B 207 16.51 25.60 0.49
CA GLU B 207 15.46 25.69 -0.53
C GLU B 207 14.76 24.31 -0.75
N GLU B 208 15.55 23.23 -0.69
CA GLU B 208 15.00 21.88 -0.94
C GLU B 208 14.16 21.44 0.23
N ARG B 209 14.65 21.67 1.47
CA ARG B 209 13.87 21.35 2.67
C ARG B 209 12.52 22.11 2.64
N GLN B 210 12.56 23.42 2.29
CA GLN B 210 11.31 24.20 2.21
C GLN B 210 10.37 23.65 1.11
N ASP B 211 10.91 23.32 -0.07
CA ASP B 211 10.05 22.81 -1.17
C ASP B 211 9.39 21.47 -0.80
N LEU B 212 10.14 20.57 -0.16
CA LEU B 212 9.56 19.27 0.24
C LEU B 212 8.53 19.46 1.37
N THR B 213 8.74 20.47 2.26
CA THR B 213 7.76 20.73 3.31
C THR B 213 6.46 21.25 2.67
N THR B 214 6.58 22.16 1.66
CA THR B 214 5.40 22.63 0.95
C THR B 214 4.70 21.44 0.22
N ALA B 215 5.48 20.56 -0.44
CA ALA B 215 4.88 19.42 -1.18
C ALA B 215 4.14 18.48 -0.23
N LEU B 216 4.73 18.24 0.95
CA LEU B 216 4.10 17.35 1.93
C LEU B 216 2.74 17.92 2.36
N GLY B 217 2.70 19.24 2.57
CA GLY B 217 1.46 19.93 2.93
C GLY B 217 0.40 19.82 1.84
N LEU B 218 0.80 19.98 0.57
CA LEU B 218 -0.14 19.89 -0.56
C LEU B 218 -0.73 18.45 -0.69
N VAL B 219 0.15 17.42 -0.55
CA VAL B 219 -0.30 16.03 -0.63
C VAL B 219 -1.33 15.74 0.48
N LYS B 220 -1.04 16.20 1.70
CA LYS B 220 -1.99 16.00 2.81
C LYS B 220 -3.34 16.72 2.56
N GLU B 221 -3.32 17.93 1.97
CA GLU B 221 -4.56 18.66 1.66
CA GLU B 221 -4.56 18.66 1.66
C GLU B 221 -5.36 17.87 0.61
N LEU B 222 -4.67 17.32 -0.40
CA LEU B 222 -5.31 16.53 -1.46
C LEU B 222 -5.98 15.28 -0.80
N LEU B 223 -5.23 14.57 0.04
CA LEU B 223 -5.79 13.37 0.69
C LEU B 223 -7.01 13.69 1.56
N SER B 224 -6.96 14.81 2.31
CA SER B 224 -8.10 15.19 3.14
CA SER B 224 -8.09 15.21 3.15
C SER B 224 -9.33 15.50 2.28
N ASN B 225 -9.12 16.16 1.11
CA ASN B 225 -10.24 16.48 0.22
C ASN B 225 -10.82 15.20 -0.38
N VAL B 226 -9.94 14.26 -0.82
CA VAL B 226 -10.41 13.00 -1.38
C VAL B 226 -11.22 12.21 -0.32
N ASP B 227 -10.66 12.08 0.89
CA ASP B 227 -11.29 11.35 1.98
C ASP B 227 -12.68 11.92 2.32
N GLU B 228 -12.82 13.27 2.28
CA GLU B 228 -14.10 13.92 2.55
C GLU B 228 -15.10 13.79 1.38
N GLY B 229 -14.62 13.46 0.19
CA GLY B 229 -15.46 13.35 -0.99
C GLY B 229 -15.89 11.96 -1.36
N ILE B 230 -15.66 10.97 -0.48
CA ILE B 230 -15.98 9.58 -0.76
C ILE B 230 -17.30 9.15 -0.09
N TYR B 231 -18.14 8.44 -0.84
CA TYR B 231 -19.35 7.80 -0.33
C TYR B 231 -19.54 6.57 -1.26
N GLN B 232 -19.51 5.34 -0.73
CA GLN B 232 -19.60 4.16 -1.60
C GLN B 232 -20.90 4.03 -2.36
N LEU B 233 -20.77 3.87 -3.68
CA LEU B 233 -21.89 3.59 -4.54
C LEU B 233 -22.25 2.11 -4.38
N GLU B 234 -23.53 1.80 -4.49
CA GLU B 234 -23.97 0.41 -4.39
C GLU B 234 -24.99 0.16 -5.46
N LYS B 235 -24.80 -0.88 -6.28
CA LYS B 235 -25.75 -1.23 -7.34
C LYS B 235 -27.13 -1.52 -6.73
N GLY B 236 -28.16 -0.92 -7.29
CA GLY B 236 -29.52 -1.12 -6.78
C GLY B 236 -29.82 -0.40 -5.47
N ALA B 237 -28.96 0.56 -5.07
CA ALA B 237 -29.22 1.31 -3.84
C ALA B 237 -30.43 2.21 -4.08
N ARG B 238 -31.30 2.32 -3.09
CA ARG B 238 -32.49 3.16 -3.22
C ARG B 238 -32.20 4.55 -2.69
N LEU B 239 -32.90 5.54 -3.23
CA LEU B 239 -32.75 6.94 -2.82
CA LEU B 239 -32.72 6.93 -2.81
C LEU B 239 -32.97 7.10 -1.31
N GLN B 240 -33.96 6.38 -0.75
CA GLN B 240 -34.25 6.49 0.69
C GLN B 240 -33.02 6.08 1.52
N GLU B 241 -32.32 5.02 1.12
CA GLU B 241 -31.10 4.61 1.84
C GLU B 241 -29.99 5.68 1.70
N ILE B 242 -29.96 6.41 0.58
CA ILE B 242 -28.95 7.43 0.37
C ILE B 242 -29.25 8.68 1.20
N TYR B 243 -30.47 9.26 1.10
CA TYR B 243 -30.76 10.48 1.86
C TYR B 243 -30.91 10.21 3.36
N ASN B 244 -30.96 8.95 3.82
CA ASN B 244 -30.97 8.65 5.26
C ASN B 244 -29.55 8.30 5.76
N ARG B 245 -28.48 8.61 4.96
CA ARG B 245 -27.07 8.35 5.33
C ARG B 245 -26.76 9.04 6.67
#